data_7MHB
#
_entry.id   7MHB
#
_cell.length_a   191.750
_cell.length_b   191.750
_cell.length_c   147.660
_cell.angle_alpha   90.000
_cell.angle_beta   90.000
_cell.angle_gamma   120.000
#
_symmetry.space_group_name_H-M   'H 3 2'
#
loop_
_entity.id
_entity.type
_entity.pdbx_description
1 polymer 'ATP-dependent protease ATPase subunit HslU'
2 non-polymer "ADENOSINE-5'-DIPHOSPHATE"
3 non-polymer 'SULFATE ION'
4 non-polymer 1,2-ETHANEDIOL
5 water water
#
_entity_poly.entity_id   1
_entity_poly.type   'polypeptide(L)'
_entity_poly.pdbx_seq_one_letter_code
;MNFSPREIVSELDRFIIGQKDAKRAVAIALRNRWRRQQLEGQMREEVMPKNILMIGPTGVGKTEISRRLAKLAGAPFVKV
EATKFTEVGYVGRDVEQIIRDLVEIAITLVREKRREDVKAKAHLNAEERVLDALVGKTASPATRDSFRKKLRNGEMDDKE
IEIEVSDSGASPNFEIPGMPGANIGVLNISDMLGKAMGGRTKTRKTTVKDSYPILINDESDKLLDQDQIVQEALRVSEDE
GIVFIDEIDKIAAREGGSGAGVSREGVQRDLLPLVEGTTVATKYGPVKTDHILFITSGAFHVSKPSDLLPELQGRLPIRV
ELSALTREDFRRILTETEASLIKQYIALMETEEVKLEFSDDAIDALADIAVDLNATVENIGARRLQTVIEKVLDEISFTA
PDKAGATFIIDAAYVKEGHHHHHH
;
_entity_poly.pdbx_strand_id   A,B
#
# COMPACT_ATOMS: atom_id res chain seq x y z
N ASN A 2 -12.67 -6.53 32.12
CA ASN A 2 -12.45 -5.18 32.63
C ASN A 2 -13.39 -4.18 31.92
N PHE A 3 -13.61 -3.02 32.54
CA PHE A 3 -14.63 -2.07 32.11
C PHE A 3 -14.10 -0.69 31.73
N SER A 4 -12.84 -0.37 32.04
CA SER A 4 -12.13 0.90 31.87
C SER A 4 -11.29 0.91 30.60
N PRO A 5 -11.18 2.05 29.92
CA PRO A 5 -10.40 2.07 28.67
C PRO A 5 -8.95 1.65 28.86
N ARG A 6 -8.28 2.19 29.88
CA ARG A 6 -6.92 1.76 30.18
C ARG A 6 -6.88 0.29 30.56
N GLU A 7 -7.93 -0.18 31.26
CA GLU A 7 -8.02 -1.59 31.60
C GLU A 7 -8.29 -2.43 30.35
N ILE A 8 -9.11 -1.92 29.43
CA ILE A 8 -9.35 -2.63 28.18
C ILE A 8 -8.07 -2.73 27.37
N VAL A 9 -7.35 -1.61 27.23
CA VAL A 9 -6.06 -1.63 26.54
C VAL A 9 -5.14 -2.68 27.15
N SER A 10 -5.15 -2.79 28.48
CA SER A 10 -4.28 -3.74 29.16
C SER A 10 -4.70 -5.17 28.87
N GLU A 11 -6.01 -5.43 28.86
CA GLU A 11 -6.47 -6.77 28.53
C GLU A 11 -6.08 -7.14 27.11
N LEU A 12 -6.14 -6.18 26.18
CA LEU A 12 -5.77 -6.47 24.81
C LEU A 12 -4.26 -6.65 24.67
N ASP A 13 -3.48 -6.02 25.54
CA ASP A 13 -2.04 -6.23 25.53
C ASP A 13 -1.67 -7.68 25.81
N ARG A 14 -2.56 -8.44 26.42
CA ARG A 14 -2.30 -9.84 26.69
C ARG A 14 -2.30 -10.70 25.44
N PHE A 15 -2.83 -10.20 24.32
CA PHE A 15 -2.94 -11.01 23.11
C PHE A 15 -2.39 -10.32 21.87
N ILE A 16 -2.38 -8.99 21.85
CA ILE A 16 -1.95 -8.21 20.70
C ILE A 16 -0.73 -7.39 21.10
N ILE A 17 0.32 -7.44 20.28
CA ILE A 17 1.49 -6.61 20.46
C ILE A 17 1.31 -5.29 19.71
N GLY A 18 1.69 -4.18 20.33
CA GLY A 18 1.66 -2.92 19.62
C GLY A 18 0.25 -2.46 19.27
N GLN A 19 0.19 -1.63 18.23
CA GLN A 19 -1.07 -1.05 17.74
C GLN A 19 -1.84 -0.35 18.85
N LYS A 20 -1.14 0.53 19.59
CA LYS A 20 -1.77 1.19 20.74
C LYS A 20 -2.94 2.07 20.31
N ASP A 21 -2.80 2.81 19.21
CA ASP A 21 -3.92 3.65 18.78
C ASP A 21 -5.16 2.82 18.49
N ALA A 22 -4.99 1.68 17.83
CA ALA A 22 -6.14 0.82 17.55
C ALA A 22 -6.74 0.26 18.83
N LYS A 23 -5.90 -0.11 19.80
CA LYS A 23 -6.41 -0.61 21.08
C LYS A 23 -7.25 0.45 21.79
N ARG A 24 -6.80 1.71 21.80
CA ARG A 24 -7.54 2.75 22.50
C ARG A 24 -8.83 3.10 21.77
N ALA A 25 -8.86 2.92 20.44
CA ALA A 25 -10.04 3.24 19.67
C ALA A 25 -11.20 2.30 20.01
N VAL A 26 -10.94 1.00 20.09
CA VAL A 26 -12.03 0.09 20.45
C VAL A 26 -12.42 0.28 21.91
N ALA A 27 -11.48 0.65 22.77
CA ALA A 27 -11.80 0.90 24.17
C ALA A 27 -12.82 2.02 24.31
N ILE A 28 -12.58 3.14 23.62
CA ILE A 28 -13.52 4.26 23.60
C ILE A 28 -14.89 3.78 23.12
N ALA A 29 -14.92 3.05 21.99
CA ALA A 29 -16.19 2.58 21.46
C ALA A 29 -16.92 1.67 22.45
N LEU A 30 -16.19 0.77 23.10
CA LEU A 30 -16.83 -0.09 24.08
C LEU A 30 -17.24 0.68 25.33
N ARG A 31 -16.39 1.60 25.80
CA ARG A 31 -16.74 2.38 26.97
C ARG A 31 -17.98 3.23 26.73
N ASN A 32 -18.19 3.71 25.50
CA ASN A 32 -19.38 4.52 25.22
C ASN A 32 -20.65 3.70 25.31
N ARG A 33 -20.58 2.40 25.00
CA ARG A 33 -21.72 1.53 25.24
C ARG A 33 -22.12 1.53 26.70
N TRP A 34 -21.12 1.49 27.61
CA TRP A 34 -21.43 1.56 29.04
C TRP A 34 -21.96 2.94 29.41
N ARG A 35 -21.34 4.00 28.87
CA ARG A 35 -21.84 5.34 29.15
C ARG A 35 -23.28 5.49 28.70
N ARG A 36 -23.66 4.88 27.58
CA ARG A 36 -25.02 5.01 27.08
C ARG A 36 -26.02 4.39 28.05
N GLN A 37 -25.75 3.17 28.52
CA GLN A 37 -26.68 2.49 29.40
C GLN A 37 -26.77 3.15 30.77
N GLN A 38 -25.83 4.02 31.13
CA GLN A 38 -26.00 4.78 32.37
C GLN A 38 -27.00 5.91 32.19
N LEU A 39 -27.17 6.38 30.95
CA LEU A 39 -28.16 7.41 30.64
C LEU A 39 -29.57 6.87 30.84
N GLU A 40 -30.46 7.78 31.21
CA GLU A 40 -31.88 7.48 31.34
C GLU A 40 -32.68 8.54 30.60
N GLY A 41 -33.77 8.13 29.96
CA GLY A 41 -34.62 9.11 29.32
C GLY A 41 -34.54 9.07 27.81
N GLN A 42 -34.75 10.21 27.16
CA GLN A 42 -34.72 10.25 25.70
C GLN A 42 -33.30 10.17 25.18
N MET A 43 -32.36 10.78 25.89
CA MET A 43 -30.96 10.73 25.47
C MET A 43 -30.45 9.29 25.37
N ARG A 44 -31.08 8.35 26.10
CA ARG A 44 -30.75 6.94 25.97
C ARG A 44 -31.08 6.41 24.57
N GLU A 45 -32.02 7.03 23.87
CA GLU A 45 -32.40 6.57 22.53
C GLU A 45 -31.82 7.44 21.43
N GLU A 46 -31.03 8.46 21.76
CA GLU A 46 -30.47 9.34 20.74
C GLU A 46 -28.99 9.11 20.49
N VAL A 47 -28.28 8.41 21.38
CA VAL A 47 -26.86 8.12 21.23
C VAL A 47 -26.68 6.84 20.43
N MET A 48 -25.80 6.88 19.44
CA MET A 48 -25.56 5.77 18.54
C MET A 48 -24.13 5.25 18.70
N PRO A 49 -23.87 4.02 18.32
CA PRO A 49 -22.54 3.43 18.57
C PRO A 49 -21.43 4.20 17.87
N LYS A 50 -20.28 4.26 18.54
CA LYS A 50 -19.10 4.91 17.99
C LYS A 50 -18.39 3.92 17.07
N ASN A 51 -18.93 3.78 15.86
CA ASN A 51 -18.37 2.85 14.88
C ASN A 51 -16.97 3.31 14.46
N ILE A 52 -16.18 2.36 13.99
CA ILE A 52 -14.75 2.57 13.76
C ILE A 52 -14.39 2.17 12.33
N LEU A 53 -13.50 2.94 11.72
CA LEU A 53 -12.87 2.55 10.46
C LEU A 53 -11.39 2.30 10.75
N MET A 54 -10.95 1.05 10.62
CA MET A 54 -9.53 0.72 10.82
C MET A 54 -8.81 0.73 9.48
N ILE A 55 -7.67 1.42 9.44
CA ILE A 55 -6.85 1.51 8.23
C ILE A 55 -5.49 0.92 8.55
N GLY A 56 -5.09 -0.10 7.77
CA GLY A 56 -3.81 -0.75 7.99
C GLY A 56 -3.55 -1.90 7.05
N PRO A 57 -2.29 -2.33 6.96
CA PRO A 57 -1.93 -3.44 6.07
C PRO A 57 -2.52 -4.74 6.60
N THR A 58 -2.34 -5.80 5.83
CA THR A 58 -2.93 -7.07 6.18
C THR A 58 -2.14 -7.76 7.30
N GLY A 59 -2.86 -8.45 8.17
CA GLY A 59 -2.24 -9.29 9.18
C GLY A 59 -1.44 -8.58 10.26
N VAL A 60 -1.93 -7.45 10.76
CA VAL A 60 -1.25 -6.70 11.80
C VAL A 60 -2.14 -6.48 13.03
N GLY A 61 -3.32 -7.09 13.07
CA GLY A 61 -4.09 -7.10 14.30
C GLY A 61 -5.48 -6.52 14.27
N LYS A 62 -5.99 -6.18 13.07
CA LYS A 62 -7.32 -5.57 12.99
C LYS A 62 -8.40 -6.53 13.46
N THR A 63 -8.44 -7.73 12.88
CA THR A 63 -9.39 -8.74 13.34
C THR A 63 -9.09 -9.15 14.78
N GLU A 64 -7.81 -9.37 15.09
CA GLU A 64 -7.48 -9.92 16.40
C GLU A 64 -7.91 -8.97 17.52
N ILE A 65 -7.67 -7.67 17.35
CA ILE A 65 -8.07 -6.68 18.36
C ILE A 65 -9.56 -6.74 18.58
N SER A 66 -10.32 -6.67 17.47
CA SER A 66 -11.77 -6.68 17.56
C SER A 66 -12.28 -7.98 18.15
N ARG A 67 -11.64 -9.09 17.80
CA ARG A 67 -12.11 -10.38 18.26
C ARG A 67 -11.86 -10.54 19.76
N ARG A 68 -10.69 -10.12 20.23
CA ARG A 68 -10.40 -10.17 21.66
C ARG A 68 -11.27 -9.20 22.43
N LEU A 69 -11.51 -8.01 21.86
CA LEU A 69 -12.39 -7.05 22.49
C LEU A 69 -13.76 -7.65 22.78
N ALA A 70 -14.33 -8.32 21.78
CA ALA A 70 -15.67 -8.88 21.94
C ALA A 70 -15.70 -9.97 22.99
N LYS A 71 -14.65 -10.78 23.06
CA LYS A 71 -14.60 -11.84 24.08
C LYS A 71 -14.45 -11.23 25.46
N LEU A 72 -13.67 -10.15 25.57
CA LEU A 72 -13.52 -9.43 26.82
C LEU A 72 -14.88 -8.93 27.32
N ALA A 73 -15.73 -8.45 26.41
CA ALA A 73 -17.01 -7.89 26.80
C ALA A 73 -18.15 -8.92 26.75
N GLY A 74 -17.83 -10.21 26.65
CA GLY A 74 -18.84 -11.25 26.50
C GLY A 74 -19.91 -10.95 25.47
N ALA A 75 -19.58 -10.14 24.45
CA ALA A 75 -20.40 -9.65 23.35
C ALA A 75 -20.35 -10.61 22.16
N PRO A 76 -21.49 -10.84 21.49
CA PRO A 76 -21.50 -11.70 20.30
C PRO A 76 -20.82 -11.02 19.14
N PHE A 77 -20.04 -11.80 18.39
CA PHE A 77 -19.12 -11.27 17.40
C PHE A 77 -19.30 -11.97 16.06
N VAL A 78 -19.27 -11.19 14.98
CA VAL A 78 -19.40 -11.71 13.63
C VAL A 78 -18.40 -10.99 12.74
N LYS A 79 -17.55 -11.75 12.06
CA LYS A 79 -16.63 -11.22 11.05
C LYS A 79 -17.14 -11.59 9.67
N VAL A 80 -17.09 -10.63 8.74
CA VAL A 80 -17.60 -10.83 7.39
C VAL A 80 -16.69 -10.13 6.39
N GLU A 81 -16.53 -10.72 5.20
CA GLU A 81 -15.80 -10.09 4.10
C GLU A 81 -16.77 -9.33 3.22
N ALA A 82 -16.57 -8.00 3.13
CA ALA A 82 -17.52 -7.15 2.42
C ALA A 82 -17.69 -7.58 0.97
N THR A 83 -16.61 -7.96 0.31
CA THR A 83 -16.71 -8.27 -1.12
C THR A 83 -17.49 -9.55 -1.38
N LYS A 84 -17.77 -10.35 -0.35
CA LYS A 84 -18.55 -11.56 -0.58
C LYS A 84 -19.95 -11.22 -1.09
N PHE A 85 -20.46 -10.04 -0.74
CA PHE A 85 -21.78 -9.63 -1.19
C PHE A 85 -21.82 -9.14 -2.63
N THR A 86 -20.68 -9.07 -3.33
CA THR A 86 -20.67 -8.69 -4.73
C THR A 86 -20.82 -9.87 -5.67
N GLU A 87 -20.82 -11.09 -5.14
CA GLU A 87 -20.84 -12.31 -5.92
C GLU A 87 -22.27 -12.84 -6.05
N VAL A 88 -22.55 -13.49 -7.18
CA VAL A 88 -23.85 -14.12 -7.36
C VAL A 88 -24.00 -15.30 -6.40
N GLY A 89 -25.23 -15.70 -6.18
CA GLY A 89 -25.50 -16.81 -5.30
C GLY A 89 -26.87 -16.70 -4.66
N TYR A 90 -27.34 -17.84 -4.16
CA TYR A 90 -28.65 -17.91 -3.54
CA TYR A 90 -28.66 -17.90 -3.54
C TYR A 90 -28.60 -18.14 -2.04
N VAL A 91 -27.44 -18.40 -1.47
CA VAL A 91 -27.31 -18.57 -0.03
C VAL A 91 -26.32 -17.55 0.49
N GLY A 92 -26.73 -16.81 1.51
CA GLY A 92 -25.82 -15.92 2.23
C GLY A 92 -25.21 -14.80 1.44
N ARG A 93 -25.95 -14.22 0.49
CA ARG A 93 -25.46 -13.09 -0.30
C ARG A 93 -26.14 -11.77 0.05
N ASP A 94 -26.97 -11.74 1.09
CA ASP A 94 -27.59 -10.49 1.53
C ASP A 94 -27.02 -10.08 2.87
N VAL A 95 -26.80 -8.77 3.04
CA VAL A 95 -26.12 -8.29 4.22
C VAL A 95 -26.91 -8.55 5.50
N GLU A 96 -28.22 -8.77 5.41
CA GLU A 96 -28.95 -9.09 6.63
C GLU A 96 -28.54 -10.44 7.20
N GLN A 97 -27.88 -11.29 6.40
CA GLN A 97 -27.32 -12.53 6.93
C GLN A 97 -26.36 -12.27 8.08
N ILE A 98 -25.64 -11.14 8.04
CA ILE A 98 -24.76 -10.75 9.15
C ILE A 98 -25.54 -10.72 10.46
N ILE A 99 -26.69 -10.04 10.44
CA ILE A 99 -27.46 -9.88 11.67
C ILE A 99 -28.07 -11.19 12.11
N ARG A 100 -28.55 -12.00 11.16
CA ARG A 100 -29.10 -13.30 11.52
C ARG A 100 -28.04 -14.18 12.17
N ASP A 101 -26.82 -14.18 11.61
CA ASP A 101 -25.73 -14.94 12.20
C ASP A 101 -25.41 -14.46 13.61
N LEU A 102 -25.51 -13.14 13.84
CA LEU A 102 -25.17 -12.57 15.14
C LEU A 102 -26.11 -13.08 16.24
N VAL A 103 -27.42 -13.12 15.96
CA VAL A 103 -28.36 -13.72 16.90
C VAL A 103 -28.01 -15.18 17.11
N GLU A 104 -27.63 -15.88 16.03
CA GLU A 104 -27.23 -17.28 16.15
C GLU A 104 -26.03 -17.44 17.07
N ILE A 105 -25.18 -16.43 17.13
CA ILE A 105 -24.02 -16.47 18.01
C ILE A 105 -24.36 -15.96 19.42
N ALA A 106 -25.34 -15.08 19.55
CA ALA A 106 -25.73 -14.60 20.88
C ALA A 106 -26.57 -15.62 21.62
N ILE A 107 -27.38 -16.41 20.90
CA ILE A 107 -28.13 -17.49 21.54
C ILE A 107 -27.16 -18.49 22.18
N THR A 108 -26.24 -19.03 21.38
CA THR A 108 -25.27 -19.98 21.89
C THR A 108 -24.33 -19.36 22.92
N LEU A 109 -24.27 -18.04 23.00
CA LEU A 109 -23.45 -17.39 24.02
C LEU A 109 -24.19 -17.29 25.35
N VAL A 110 -25.48 -16.96 25.31
CA VAL A 110 -26.26 -16.81 26.54
C VAL A 110 -26.50 -18.15 27.21
N ARG A 111 -26.61 -19.23 26.43
CA ARG A 111 -26.80 -20.56 27.01
C ARG A 111 -25.61 -20.97 27.87
N GLU A 112 -24.40 -20.63 27.44
CA GLU A 112 -23.22 -21.03 28.21
C GLU A 112 -23.21 -20.38 29.58
N LYS A 113 -23.54 -19.09 29.65
CA LYS A 113 -23.46 -18.38 30.93
C LYS A 113 -24.60 -18.76 31.86
N ARG A 114 -25.79 -19.03 31.31
CA ARG A 114 -26.92 -19.40 32.15
C ARG A 114 -26.68 -20.76 32.81
N ARG A 115 -26.18 -21.74 32.06
CA ARG A 115 -25.91 -23.06 32.62
C ARG A 115 -24.88 -22.99 33.73
N GLU A 116 -23.69 -22.45 33.43
CA GLU A 116 -22.62 -22.33 34.41
C GLU A 116 -23.01 -21.43 35.57
N GLN A 226 -34.65 -22.52 25.97
CA GLN A 226 -35.34 -21.61 26.88
C GLN A 226 -35.84 -20.37 26.14
N ASP A 227 -37.15 -20.15 26.21
CA ASP A 227 -37.73 -18.95 25.60
C ASP A 227 -37.11 -17.68 26.19
N GLN A 228 -36.83 -17.69 27.49
CA GLN A 228 -36.21 -16.53 28.12
C GLN A 228 -34.78 -16.32 27.62
N ILE A 229 -34.07 -17.41 27.30
CA ILE A 229 -32.72 -17.27 26.77
C ILE A 229 -32.76 -16.61 25.40
N VAL A 230 -33.70 -17.02 24.54
CA VAL A 230 -33.83 -16.42 23.22
C VAL A 230 -34.23 -14.95 23.34
N GLN A 231 -35.07 -14.63 24.33
CA GLN A 231 -35.45 -13.23 24.52
C GLN A 231 -34.25 -12.36 24.87
N GLU A 232 -33.36 -12.85 25.74
CA GLU A 232 -32.17 -12.08 26.07
C GLU A 232 -31.14 -12.13 24.94
N ALA A 233 -31.03 -13.27 24.24
CA ALA A 233 -30.17 -13.31 23.07
C ALA A 233 -30.58 -12.26 22.05
N LEU A 234 -31.88 -11.98 21.97
CA LEU A 234 -32.35 -10.89 21.14
C LEU A 234 -32.07 -9.55 21.79
N ARG A 235 -32.00 -9.51 23.12
CA ARG A 235 -31.62 -8.29 23.82
C ARG A 235 -30.11 -8.05 23.72
N VAL A 236 -29.33 -9.11 23.96
CA VAL A 236 -27.88 -8.99 23.90
C VAL A 236 -27.45 -8.56 22.50
N SER A 237 -27.98 -9.24 21.47
CA SER A 237 -27.64 -8.91 20.09
C SER A 237 -27.89 -7.45 19.78
N GLU A 238 -28.97 -6.88 20.32
CA GLU A 238 -29.31 -5.49 20.03
C GLU A 238 -28.40 -4.51 20.76
N ASP A 239 -28.12 -4.77 22.04
CA ASP A 239 -27.33 -3.83 22.83
C ASP A 239 -25.85 -4.15 22.87
N GLU A 240 -25.44 -5.38 22.57
CA GLU A 240 -24.04 -5.76 22.75
C GLU A 240 -23.38 -6.35 21.52
N GLY A 241 -24.10 -6.55 20.42
CA GLY A 241 -23.50 -7.18 19.25
C GLY A 241 -22.36 -6.36 18.69
N ILE A 242 -21.35 -7.06 18.19
CA ILE A 242 -20.20 -6.43 17.53
C ILE A 242 -20.03 -7.08 16.17
N VAL A 243 -19.99 -6.25 15.12
CA VAL A 243 -19.92 -6.70 13.74
C VAL A 243 -18.64 -6.16 13.12
N PHE A 244 -17.78 -7.05 12.66
CA PHE A 244 -16.53 -6.68 12.01
C PHE A 244 -16.68 -6.86 10.50
N ILE A 245 -16.52 -5.78 9.74
CA ILE A 245 -16.63 -5.83 8.28
C ILE A 245 -15.25 -5.60 7.70
N ASP A 246 -14.66 -6.66 7.14
CA ASP A 246 -13.34 -6.59 6.53
C ASP A 246 -13.41 -6.09 5.09
N GLU A 247 -12.30 -5.51 4.64
CA GLU A 247 -12.09 -5.00 3.29
C GLU A 247 -13.25 -4.12 2.84
N ILE A 248 -13.69 -3.24 3.73
CA ILE A 248 -14.64 -2.22 3.36
C ILE A 248 -14.01 -1.25 2.34
N ASP A 249 -12.68 -1.26 2.22
CA ASP A 249 -12.05 -0.45 1.18
C ASP A 249 -12.31 -1.03 -0.21
N LYS A 250 -12.43 -2.36 -0.34
CA LYS A 250 -12.59 -2.94 -1.68
C LYS A 250 -13.95 -2.66 -2.28
N ILE A 251 -14.97 -2.40 -1.48
CA ILE A 251 -16.30 -2.08 -2.02
C ILE A 251 -16.44 -0.57 -2.21
N ALA A 252 -15.31 0.15 -2.20
CA ALA A 252 -15.31 1.58 -2.46
C ALA A 252 -14.37 1.94 -3.59
N ALA A 253 -14.01 0.99 -4.43
CA ALA A 253 -13.05 1.20 -5.50
C ALA A 253 -13.79 1.50 -6.78
N ARG A 254 -13.03 1.73 -7.85
CA ARG A 254 -13.45 2.18 -9.19
C ARG A 254 -14.30 1.19 -9.92
N GLU A 255 -14.83 0.10 -9.37
CA GLU A 255 -15.78 -0.78 -10.10
C GLU A 255 -15.24 -1.24 -11.46
N SER A 258 -14.75 -8.08 -10.13
CA SER A 258 -14.96 -9.37 -10.79
C SER A 258 -16.27 -10.02 -10.36
N GLY A 259 -16.86 -9.54 -9.27
CA GLY A 259 -18.15 -10.05 -8.85
C GLY A 259 -19.25 -9.65 -9.82
N ALA A 260 -20.11 -10.62 -10.14
CA ALA A 260 -21.22 -10.42 -11.05
C ALA A 260 -22.55 -10.20 -10.33
N GLY A 261 -22.50 -10.03 -9.01
CA GLY A 261 -23.71 -9.78 -8.27
C GLY A 261 -23.90 -8.30 -8.01
N VAL A 262 -24.17 -7.95 -6.75
CA VAL A 262 -24.34 -6.54 -6.40
C VAL A 262 -23.06 -5.78 -6.71
N SER A 263 -23.22 -4.57 -7.27
CA SER A 263 -22.09 -3.70 -7.50
C SER A 263 -21.46 -3.27 -6.16
N ARG A 264 -20.26 -2.69 -6.26
CA ARG A 264 -19.54 -2.30 -5.06
C ARG A 264 -20.29 -1.20 -4.30
N GLU A 265 -20.69 -0.13 -5.00
CA GLU A 265 -21.52 0.88 -4.35
C GLU A 265 -22.81 0.27 -3.79
N GLY A 266 -23.36 -0.74 -4.47
CA GLY A 266 -24.57 -1.38 -3.97
C GLY A 266 -24.35 -2.10 -2.66
N VAL A 267 -23.19 -2.71 -2.48
CA VAL A 267 -22.90 -3.32 -1.18
C VAL A 267 -22.84 -2.24 -0.11
N GLN A 268 -22.24 -1.10 -0.43
CA GLN A 268 -22.29 0.02 0.51
C GLN A 268 -23.73 0.40 0.79
N ARG A 269 -24.53 0.60 -0.27
CA ARG A 269 -25.92 1.01 -0.07
C ARG A 269 -26.70 0.00 0.76
N ASP A 270 -26.40 -1.29 0.61
CA ASP A 270 -27.08 -2.31 1.40
C ASP A 270 -26.61 -2.29 2.84
N LEU A 271 -25.38 -1.81 3.08
CA LEU A 271 -24.89 -1.70 4.45
C LEU A 271 -25.54 -0.53 5.18
N LEU A 272 -25.96 0.52 4.47
CA LEU A 272 -26.56 1.68 5.12
C LEU A 272 -27.65 1.33 6.12
N PRO A 273 -28.70 0.55 5.77
CA PRO A 273 -29.72 0.23 6.79
C PRO A 273 -29.14 -0.39 8.05
N LEU A 274 -28.08 -1.19 7.96
CA LEU A 274 -27.57 -1.85 9.16
C LEU A 274 -26.95 -0.85 10.13
N VAL A 275 -26.12 0.05 9.62
CA VAL A 275 -25.36 0.95 10.48
C VAL A 275 -26.13 2.24 10.80
N GLU A 276 -27.11 2.61 10.00
CA GLU A 276 -27.98 3.72 10.37
C GLU A 276 -29.04 3.30 11.37
N GLY A 277 -29.52 2.07 11.27
CA GLY A 277 -30.58 1.60 12.13
C GLY A 277 -31.73 1.02 11.32
N THR A 278 -31.97 -0.28 11.45
CA THR A 278 -33.06 -0.92 10.75
C THR A 278 -33.51 -2.10 11.59
N THR A 279 -34.67 -2.64 11.23
CA THR A 279 -35.17 -3.86 11.84
C THR A 279 -34.96 -5.00 10.85
N VAL A 280 -34.46 -6.12 11.34
CA VAL A 280 -34.10 -7.27 10.51
C VAL A 280 -34.87 -8.48 11.01
N ALA A 281 -35.47 -9.21 10.09
CA ALA A 281 -36.24 -10.40 10.46
C ALA A 281 -35.32 -11.61 10.54
N THR A 282 -35.57 -12.47 11.54
CA THR A 282 -34.79 -13.69 11.73
C THR A 282 -35.72 -14.84 12.06
N LYS A 283 -35.15 -16.05 12.13
CA LYS A 283 -35.89 -17.22 12.59
C LYS A 283 -36.28 -17.14 14.06
N TYR A 284 -35.90 -16.06 14.76
CA TYR A 284 -36.24 -15.87 16.16
C TYR A 284 -37.02 -14.59 16.42
N GLY A 285 -37.06 -13.65 15.47
CA GLY A 285 -37.85 -12.46 15.61
C GLY A 285 -37.11 -11.22 15.18
N PRO A 286 -37.82 -10.09 15.15
CA PRO A 286 -37.20 -8.85 14.64
C PRO A 286 -36.08 -8.37 15.53
N VAL A 287 -35.01 -7.91 14.89
CA VAL A 287 -33.82 -7.43 15.57
C VAL A 287 -33.49 -6.03 15.06
N LYS A 288 -33.33 -5.08 15.98
CA LYS A 288 -32.88 -3.74 15.64
C LYS A 288 -31.36 -3.67 15.67
N THR A 289 -30.80 -2.93 14.72
CA THR A 289 -29.35 -2.78 14.60
C THR A 289 -28.88 -1.40 15.04
N ASP A 290 -29.77 -0.65 15.70
CA ASP A 290 -29.47 0.73 16.09
C ASP A 290 -28.28 0.81 17.04
N HIS A 291 -28.12 -0.17 17.92
CA HIS A 291 -27.13 -0.08 18.98
C HIS A 291 -26.02 -1.13 18.83
N ILE A 292 -25.95 -1.77 17.67
CA ILE A 292 -24.87 -2.69 17.36
C ILE A 292 -23.63 -1.88 16.98
N LEU A 293 -22.48 -2.27 17.51
CA LEU A 293 -21.22 -1.63 17.16
C LEU A 293 -20.67 -2.24 15.88
N PHE A 294 -20.14 -1.40 15.00
CA PHE A 294 -19.59 -1.84 13.73
C PHE A 294 -18.13 -1.43 13.65
N ILE A 295 -17.26 -2.39 13.40
CA ILE A 295 -15.84 -2.13 13.19
C ILE A 295 -15.51 -2.50 11.74
N THR A 296 -15.09 -1.53 10.96
CA THR A 296 -14.77 -1.75 9.56
C THR A 296 -13.27 -1.56 9.33
N SER A 297 -12.77 -2.21 8.28
CA SER A 297 -11.33 -2.28 8.08
C SER A 297 -10.99 -2.32 6.59
N GLY A 298 -9.84 -1.77 6.25
CA GLY A 298 -9.34 -1.85 4.89
C GLY A 298 -7.92 -1.32 4.83
N ALA A 299 -7.20 -1.73 3.79
CA ALA A 299 -5.87 -1.18 3.59
C ALA A 299 -5.92 0.18 2.92
N PHE A 300 -6.94 0.42 2.10
CA PHE A 300 -7.13 1.66 1.36
C PHE A 300 -5.93 2.00 0.48
N HIS A 301 -5.51 1.01 -0.30
CA HIS A 301 -4.70 1.22 -1.50
C HIS A 301 -5.54 1.25 -2.77
N VAL A 302 -6.64 0.49 -2.84
CA VAL A 302 -7.47 0.49 -4.03
C VAL A 302 -8.48 1.62 -4.04
N SER A 303 -8.63 2.31 -2.92
CA SER A 303 -9.57 3.41 -2.79
C SER A 303 -9.12 4.22 -1.58
N LYS A 304 -9.87 5.28 -1.26
CA LYS A 304 -9.57 6.08 -0.09
C LYS A 304 -10.82 6.25 0.77
N PRO A 305 -10.65 6.55 2.08
CA PRO A 305 -11.82 6.61 2.97
C PRO A 305 -12.90 7.56 2.50
N SER A 306 -12.52 8.65 1.84
CA SER A 306 -13.54 9.55 1.29
C SER A 306 -14.25 8.96 0.07
N ASP A 307 -13.88 7.77 -0.41
CA ASP A 307 -14.66 7.13 -1.45
C ASP A 307 -15.88 6.41 -0.91
N LEU A 308 -16.00 6.30 0.41
CA LEU A 308 -17.18 5.69 0.99
C LEU A 308 -18.40 6.60 0.81
N LEU A 309 -19.58 5.99 0.79
CA LEU A 309 -20.82 6.76 0.70
C LEU A 309 -20.86 7.80 1.81
N PRO A 310 -21.30 9.04 1.52
CA PRO A 310 -21.42 10.04 2.59
C PRO A 310 -22.19 9.54 3.80
N GLU A 311 -23.30 8.83 3.58
CA GLU A 311 -24.09 8.27 4.66
C GLU A 311 -23.28 7.29 5.50
N LEU A 312 -22.32 6.60 4.90
CA LEU A 312 -21.48 5.68 5.63
C LEU A 312 -20.43 6.42 6.46
N GLN A 313 -19.78 7.42 5.86
CA GLN A 313 -18.82 8.25 6.59
C GLN A 313 -19.40 8.77 7.89
N GLY A 314 -20.63 9.31 7.83
CA GLY A 314 -21.26 9.87 9.01
C GLY A 314 -21.53 8.86 10.10
N ARG A 315 -21.59 7.57 9.77
CA ARG A 315 -21.79 6.52 10.76
C ARG A 315 -20.48 5.81 11.10
N LEU A 316 -19.35 6.44 10.81
CA LEU A 316 -18.04 5.94 11.22
C LEU A 316 -17.30 7.03 11.99
N PRO A 317 -17.73 7.31 13.23
CA PRO A 317 -17.17 8.48 13.93
C PRO A 317 -15.68 8.39 14.22
N ILE A 318 -15.17 7.20 14.53
CA ILE A 318 -13.79 7.04 14.98
C ILE A 318 -12.95 6.48 13.84
N ARG A 319 -11.81 7.12 13.58
CA ARG A 319 -10.89 6.75 12.52
C ARG A 319 -9.54 6.40 13.14
N VAL A 320 -9.04 5.21 12.87
CA VAL A 320 -7.79 4.80 13.50
C VAL A 320 -6.94 4.02 12.50
N GLU A 321 -5.65 4.29 12.50
CA GLU A 321 -4.66 3.65 11.65
C GLU A 321 -3.94 2.56 12.43
N LEU A 322 -3.42 1.58 11.70
CA LEU A 322 -2.56 0.55 12.25
C LEU A 322 -1.28 0.51 11.42
N SER A 323 -0.20 0.10 12.05
CA SER A 323 1.09 0.19 11.41
C SER A 323 1.62 -1.19 11.07
N ALA A 324 2.57 -1.22 10.14
CA ALA A 324 3.25 -2.46 9.82
C ALA A 324 3.95 -3.02 11.04
N LEU A 325 4.04 -4.34 11.10
CA LEU A 325 4.74 -4.99 12.19
C LEU A 325 6.23 -5.00 11.89
N THR A 326 7.03 -4.72 12.90
CA THR A 326 8.47 -4.71 12.72
C THR A 326 9.08 -6.07 13.10
N ARG A 327 10.37 -6.22 12.81
CA ARG A 327 11.07 -7.45 13.17
C ARG A 327 10.97 -7.74 14.67
N GLU A 328 11.11 -6.72 15.50
CA GLU A 328 10.95 -6.90 16.94
C GLU A 328 9.52 -7.29 17.29
N ASP A 329 8.54 -6.74 16.55
CA ASP A 329 7.14 -7.13 16.75
C ASP A 329 6.96 -8.63 16.55
N PHE A 330 7.62 -9.21 15.56
CA PHE A 330 7.47 -10.64 15.31
C PHE A 330 7.99 -11.46 16.49
N ARG A 331 9.13 -11.06 17.06
CA ARG A 331 9.68 -11.77 18.21
C ARG A 331 8.71 -11.74 19.39
N ARG A 332 8.12 -10.57 19.65
CA ARG A 332 7.18 -10.47 20.77
C ARG A 332 5.87 -11.18 20.48
N ILE A 333 5.43 -11.18 19.22
CA ILE A 333 4.24 -11.94 18.86
C ILE A 333 4.48 -13.43 19.09
N LEU A 334 5.69 -13.89 18.78
CA LEU A 334 6.00 -15.30 18.92
C LEU A 334 5.96 -15.75 20.36
N THR A 335 6.45 -14.92 21.29
CA THR A 335 6.67 -15.37 22.66
C THR A 335 5.80 -14.69 23.71
N GLU A 336 5.57 -13.38 23.60
CA GLU A 336 5.11 -12.61 24.76
C GLU A 336 3.61 -12.78 25.05
N THR A 337 2.77 -12.95 24.03
CA THR A 337 1.35 -12.94 24.29
C THR A 337 0.88 -14.28 24.86
N GLU A 338 -0.32 -14.26 25.44
CA GLU A 338 -0.78 -15.39 26.24
C GLU A 338 -1.11 -16.62 25.40
N ALA A 339 -1.62 -16.43 24.18
CA ALA A 339 -1.92 -17.54 23.29
C ALA A 339 -0.93 -17.67 22.15
N SER A 340 0.33 -17.30 22.40
CA SER A 340 1.34 -17.23 21.35
C SER A 340 1.62 -18.61 20.78
N LEU A 341 2.09 -18.63 19.53
CA LEU A 341 2.36 -19.89 18.84
C LEU A 341 3.37 -20.74 19.60
N ILE A 342 4.43 -20.12 20.14
CA ILE A 342 5.43 -20.86 20.90
C ILE A 342 4.78 -21.54 22.10
N LYS A 343 3.95 -20.81 22.84
CA LYS A 343 3.25 -21.40 23.97
C LYS A 343 2.26 -22.48 23.54
N GLN A 344 1.79 -22.43 22.30
CA GLN A 344 0.91 -23.49 21.83
C GLN A 344 1.69 -24.76 21.54
N TYR A 345 2.79 -24.63 20.79
CA TYR A 345 3.58 -25.81 20.45
C TYR A 345 4.21 -26.44 21.68
N ILE A 346 4.64 -25.61 22.64
CA ILE A 346 5.15 -26.13 23.89
C ILE A 346 4.08 -26.95 24.60
N ALA A 347 2.85 -26.41 24.65
CA ALA A 347 1.77 -27.12 25.33
C ALA A 347 1.38 -28.38 24.57
N LEU A 348 1.42 -28.34 23.23
CA LEU A 348 1.05 -29.51 22.44
C LEU A 348 2.06 -30.64 22.63
N MET A 349 3.34 -30.31 22.70
CA MET A 349 4.36 -31.33 22.91
C MET A 349 4.43 -31.81 24.36
N GLU A 350 3.90 -31.03 25.30
CA GLU A 350 3.86 -31.48 26.68
C GLU A 350 2.97 -32.70 26.83
N THR A 351 1.90 -32.79 26.01
CA THR A 351 1.02 -33.95 26.06
C THR A 351 1.72 -35.24 25.58
N GLU A 352 2.92 -35.14 25.01
CA GLU A 352 3.68 -36.30 24.61
C GLU A 352 4.88 -36.56 25.51
N GLU A 353 4.95 -35.87 26.65
CA GLU A 353 6.10 -35.96 27.58
C GLU A 353 7.40 -35.51 26.91
N VAL A 354 7.31 -34.44 26.13
CA VAL A 354 8.48 -33.86 25.47
C VAL A 354 8.57 -32.39 25.84
N LYS A 355 9.63 -32.01 26.53
CA LYS A 355 9.88 -30.62 26.88
C LYS A 355 10.43 -29.92 25.64
N LEU A 356 9.58 -29.15 24.97
CA LEU A 356 10.00 -28.39 23.81
C LEU A 356 10.56 -27.05 24.28
N GLU A 357 11.77 -26.74 23.83
CA GLU A 357 12.44 -25.52 24.25
C GLU A 357 12.97 -24.78 23.03
N PHE A 358 12.77 -23.46 23.04
CA PHE A 358 13.34 -22.58 22.03
C PHE A 358 14.37 -21.69 22.71
N SER A 359 15.58 -21.66 22.15
CA SER A 359 16.54 -20.65 22.58
C SER A 359 16.07 -19.26 22.10
N ASP A 360 16.69 -18.23 22.67
CA ASP A 360 16.36 -16.87 22.26
C ASP A 360 16.86 -16.56 20.85
N ASP A 361 18.01 -17.13 20.48
CA ASP A 361 18.51 -16.94 19.11
C ASP A 361 17.67 -17.71 18.10
N ALA A 362 17.04 -18.81 18.54
CA ALA A 362 16.14 -19.54 17.66
C ALA A 362 14.89 -18.72 17.34
N ILE A 363 14.37 -18.00 18.35
CA ILE A 363 13.20 -17.16 18.12
C ILE A 363 13.55 -16.02 17.18
N ASP A 364 14.74 -15.43 17.35
CA ASP A 364 15.20 -14.42 16.39
C ASP A 364 15.28 -15.02 15.00
N ALA A 365 15.85 -16.22 14.88
CA ALA A 365 16.02 -16.86 13.58
C ALA A 365 14.66 -17.09 12.91
N LEU A 366 13.68 -17.58 13.68
CA LEU A 366 12.34 -17.78 13.13
C LEU A 366 11.73 -16.47 12.67
N ALA A 367 11.89 -15.40 13.47
CA ALA A 367 11.35 -14.10 13.08
C ALA A 367 12.03 -13.58 11.82
N ASP A 368 13.33 -13.84 11.67
CA ASP A 368 14.04 -13.38 10.48
C ASP A 368 13.55 -14.10 9.23
N ILE A 369 13.26 -15.40 9.33
CA ILE A 369 12.76 -16.15 8.18
C ILE A 369 11.42 -15.56 7.72
N ALA A 370 10.55 -15.19 8.67
CA ALA A 370 9.25 -14.66 8.30
C ALA A 370 9.37 -13.28 7.69
N VAL A 371 10.25 -12.44 8.23
CA VAL A 371 10.45 -11.11 7.67
C VAL A 371 10.95 -11.21 6.24
N ASP A 372 11.89 -12.11 5.98
CA ASP A 372 12.45 -12.23 4.64
C ASP A 372 11.39 -12.72 3.65
N LEU A 373 10.60 -13.72 4.02
CA LEU A 373 9.53 -14.19 3.16
C LEU A 373 8.51 -13.07 2.89
N ASN A 374 8.11 -12.34 3.93
CA ASN A 374 7.24 -11.19 3.73
C ASN A 374 7.90 -10.11 2.88
N ALA A 375 9.23 -10.12 2.77
CA ALA A 375 9.91 -9.09 2.00
C ALA A 375 10.21 -9.51 0.57
N THR A 376 10.18 -10.80 0.27
CA THR A 376 10.55 -11.30 -1.04
C THR A 376 9.42 -11.95 -1.80
N VAL A 377 8.44 -12.53 -1.12
CA VAL A 377 7.29 -13.14 -1.76
C VAL A 377 6.14 -12.16 -1.67
N GLU A 378 5.57 -12.04 -0.47
CA GLU A 378 4.49 -11.11 -0.24
C GLU A 378 4.43 -10.82 1.25
N ASN A 379 4.15 -9.56 1.59
CA ASN A 379 4.00 -9.17 2.98
C ASN A 379 2.59 -9.50 3.44
N ILE A 380 2.46 -10.63 4.14
CA ILE A 380 1.19 -11.02 4.73
C ILE A 380 1.18 -10.79 6.23
N GLY A 381 2.10 -9.98 6.75
CA GLY A 381 2.07 -9.64 8.16
C GLY A 381 2.42 -10.84 9.03
N ALA A 382 1.81 -10.88 10.21
CA ALA A 382 2.13 -11.91 11.19
C ALA A 382 1.61 -13.29 10.81
N ARG A 383 0.81 -13.40 9.74
CA ARG A 383 0.34 -14.72 9.32
C ARG A 383 1.47 -15.61 8.82
N ARG A 384 2.60 -15.01 8.43
CA ARG A 384 3.74 -15.78 7.97
C ARG A 384 4.35 -16.62 9.08
N LEU A 385 4.19 -16.20 10.34
CA LEU A 385 4.84 -16.90 11.45
C LEU A 385 4.33 -18.33 11.57
N GLN A 386 3.02 -18.53 11.42
CA GLN A 386 2.41 -19.85 11.65
C GLN A 386 3.04 -20.90 10.73
N THR A 387 3.19 -20.58 9.45
CA THR A 387 3.73 -21.54 8.50
C THR A 387 5.23 -21.77 8.72
N VAL A 388 5.93 -20.83 9.36
CA VAL A 388 7.38 -20.93 9.49
C VAL A 388 7.77 -21.80 10.68
N ILE A 389 7.11 -21.60 11.84
CA ILE A 389 7.37 -22.46 12.98
C ILE A 389 7.01 -23.91 12.66
N GLU A 390 5.95 -24.10 11.87
CA GLU A 390 5.44 -25.43 11.64
C GLU A 390 6.44 -26.29 10.86
N LYS A 391 7.10 -25.71 9.84
CA LYS A 391 8.08 -26.48 9.08
C LYS A 391 9.33 -26.78 9.92
N VAL A 392 9.68 -25.90 10.86
CA VAL A 392 10.85 -26.17 11.71
C VAL A 392 10.55 -27.26 12.72
N LEU A 393 9.27 -27.41 13.12
CA LEU A 393 8.83 -28.42 14.06
C LEU A 393 8.44 -29.73 13.39
N ASP A 394 8.65 -29.84 12.07
CA ASP A 394 8.20 -31.03 11.34
C ASP A 394 8.87 -32.30 11.88
N GLU A 395 10.17 -32.24 12.13
CA GLU A 395 10.88 -33.44 12.57
C GLU A 395 10.42 -33.90 13.95
N ILE A 396 10.21 -32.96 14.88
CA ILE A 396 9.86 -33.38 16.23
C ILE A 396 8.38 -33.72 16.35
N SER A 397 7.51 -32.99 15.63
CA SER A 397 6.08 -33.27 15.73
C SER A 397 5.76 -34.70 15.33
N PHE A 398 6.53 -35.25 14.41
CA PHE A 398 6.31 -36.62 13.97
C PHE A 398 6.83 -37.65 14.96
N THR A 399 8.03 -37.42 15.52
CA THR A 399 8.71 -38.43 16.34
C THR A 399 8.50 -38.26 17.84
N ALA A 400 7.70 -37.29 18.26
CA ALA A 400 7.57 -36.98 19.69
C ALA A 400 7.09 -38.16 20.52
N PRO A 401 6.06 -38.93 20.13
CA PRO A 401 5.69 -40.10 20.95
C PRO A 401 6.81 -41.11 21.09
N ASP A 402 7.67 -41.25 20.08
CA ASP A 402 8.82 -42.13 20.19
C ASP A 402 9.94 -41.52 21.05
N LYS A 403 9.76 -40.30 21.53
CA LYS A 403 10.78 -39.56 22.28
C LYS A 403 10.28 -39.15 23.66
N ALA A 404 9.34 -39.90 24.22
CA ALA A 404 8.69 -39.51 25.46
C ALA A 404 9.69 -39.38 26.61
N GLY A 405 9.41 -38.46 27.52
CA GLY A 405 10.28 -38.14 28.61
C GLY A 405 11.48 -37.28 28.27
N ALA A 406 11.73 -37.01 27.00
CA ALA A 406 12.94 -36.32 26.58
C ALA A 406 12.70 -34.83 26.40
N THR A 407 13.80 -34.10 26.30
CA THR A 407 13.80 -32.65 26.12
C THR A 407 14.39 -32.32 24.75
N PHE A 408 13.64 -31.56 23.95
CA PHE A 408 14.04 -31.20 22.60
C PHE A 408 14.28 -29.71 22.54
N ILE A 409 15.52 -29.32 22.22
CA ILE A 409 15.94 -27.94 22.20
C ILE A 409 16.14 -27.50 20.76
N ILE A 410 15.43 -26.44 20.37
CA ILE A 410 15.56 -25.84 19.06
C ILE A 410 16.41 -24.59 19.20
N ASP A 411 17.58 -24.58 18.58
CA ASP A 411 18.50 -23.45 18.63
C ASP A 411 18.57 -22.78 17.27
N ALA A 412 19.43 -21.77 17.17
CA ALA A 412 19.61 -21.08 15.90
C ALA A 412 20.08 -22.03 14.82
N ALA A 413 20.94 -22.99 15.18
CA ALA A 413 21.44 -23.96 14.21
C ALA A 413 20.33 -24.90 13.75
N TYR A 414 19.43 -25.29 14.65
CA TYR A 414 18.35 -26.20 14.26
C TYR A 414 17.36 -25.52 13.33
N VAL A 415 17.07 -24.24 13.58
CA VAL A 415 16.23 -23.47 12.66
C VAL A 415 16.90 -23.36 11.30
N LYS A 416 18.24 -23.37 11.28
CA LYS A 416 18.97 -23.22 10.02
C LYS A 416 18.82 -24.48 9.15
N GLU A 417 19.03 -25.65 9.73
CA GLU A 417 18.88 -26.89 8.96
C GLU A 417 17.43 -27.12 8.56
N GLY A 418 16.49 -26.88 9.49
CA GLY A 418 15.07 -27.07 9.23
C GLY A 418 14.55 -26.42 7.97
N ASN B 2 28.40 13.35 -16.56
CA ASN B 2 29.29 12.47 -15.82
C ASN B 2 29.13 11.03 -16.28
N PHE B 3 30.14 10.19 -16.04
CA PHE B 3 30.21 8.84 -16.58
C PHE B 3 30.32 7.73 -15.53
N SER B 4 30.64 8.05 -14.27
CA SER B 4 30.89 7.13 -13.17
C SER B 4 29.65 6.96 -12.30
N PRO B 5 29.42 5.77 -11.74
CA PRO B 5 28.20 5.58 -10.93
C PRO B 5 28.12 6.52 -9.73
N ARG B 6 29.21 6.69 -8.98
CA ARG B 6 29.20 7.67 -7.89
C ARG B 6 28.97 9.07 -8.45
N GLU B 7 29.53 9.35 -9.63
CA GLU B 7 29.28 10.64 -10.26
C GLU B 7 27.83 10.77 -10.69
N ILE B 8 27.24 9.68 -11.19
CA ILE B 8 25.83 9.71 -11.58
C ILE B 8 24.96 9.96 -10.37
N VAL B 9 25.19 9.23 -9.28
CA VAL B 9 24.46 9.46 -8.04
C VAL B 9 24.55 10.92 -7.63
N SER B 10 25.72 11.53 -7.81
CA SER B 10 25.90 12.93 -7.43
C SER B 10 25.10 13.87 -8.35
N GLU B 11 25.09 13.59 -9.64
CA GLU B 11 24.32 14.42 -10.57
C GLU B 11 22.83 14.34 -10.25
N LEU B 12 22.35 13.14 -9.89
CA LEU B 12 20.94 12.99 -9.55
C LEU B 12 20.61 13.65 -8.22
N ASP B 13 21.61 13.78 -7.34
CA ASP B 13 21.37 14.48 -6.08
C ASP B 13 20.98 15.94 -6.30
N ARG B 14 21.33 16.51 -7.44
CA ARG B 14 20.98 17.89 -7.75
C ARG B 14 19.49 18.09 -7.99
N PHE B 15 18.72 17.02 -8.20
CA PHE B 15 17.30 17.17 -8.52
C PHE B 15 16.38 16.31 -7.66
N ILE B 16 16.89 15.19 -7.15
CA ILE B 16 16.09 14.25 -6.38
C ILE B 16 16.66 14.16 -4.96
N ILE B 17 15.79 14.29 -3.97
CA ILE B 17 16.14 14.13 -2.56
C ILE B 17 15.96 12.67 -2.19
N GLY B 18 16.91 12.12 -1.42
CA GLY B 18 16.77 10.78 -0.90
C GLY B 18 16.82 9.74 -2.02
N GLN B 19 16.23 8.58 -1.72
CA GLN B 19 16.14 7.45 -2.65
C GLN B 19 17.50 7.02 -3.19
N LYS B 20 18.45 6.84 -2.27
CA LYS B 20 19.82 6.50 -2.65
C LYS B 20 19.87 5.15 -3.37
N ASP B 21 19.13 4.15 -2.88
CA ASP B 21 19.16 2.84 -3.54
C ASP B 21 18.69 2.96 -4.99
N ALA B 22 17.61 3.68 -5.22
CA ALA B 22 17.12 3.83 -6.60
C ALA B 22 18.14 4.56 -7.46
N LYS B 23 18.81 5.56 -6.89
CA LYS B 23 19.84 6.28 -7.63
C LYS B 23 20.98 5.37 -8.02
N ARG B 24 21.42 4.48 -7.12
CA ARG B 24 22.53 3.60 -7.45
C ARG B 24 22.13 2.54 -8.47
N ALA B 25 20.86 2.15 -8.48
CA ALA B 25 20.41 1.13 -9.41
C ALA B 25 20.48 1.61 -10.85
N VAL B 26 20.02 2.83 -11.12
CA VAL B 26 20.11 3.32 -12.50
C VAL B 26 21.55 3.61 -12.88
N ALA B 27 22.39 4.02 -11.91
CA ALA B 27 23.80 4.25 -12.19
C ALA B 27 24.48 2.97 -12.67
N ILE B 28 24.25 1.88 -11.96
CA ILE B 28 24.76 0.57 -12.39
C ILE B 28 24.27 0.26 -13.81
N ALA B 29 22.95 0.40 -14.03
CA ALA B 29 22.38 0.09 -15.34
C ALA B 29 22.98 0.95 -16.44
N LEU B 30 23.14 2.25 -16.19
CA LEU B 30 23.71 3.13 -17.20
C LEU B 30 25.21 2.86 -17.38
N ARG B 31 25.93 2.64 -16.28
CA ARG B 31 27.34 2.36 -16.37
C ARG B 31 27.61 1.06 -17.14
N ASN B 32 26.70 0.08 -17.04
CA ASN B 32 26.93 -1.17 -17.75
C ASN B 32 26.82 -1.00 -19.27
N ARG B 33 25.97 -0.08 -19.72
CA ARG B 33 25.94 0.26 -21.14
C ARG B 33 27.32 0.69 -21.61
N TRP B 34 28.03 1.47 -20.79
CA TRP B 34 29.38 1.86 -21.14
C TRP B 34 30.32 0.67 -21.13
N ARG B 35 30.19 -0.21 -20.13
CA ARG B 35 31.02 -1.41 -20.08
C ARG B 35 30.80 -2.29 -21.31
N ARG B 36 29.57 -2.35 -21.81
CA ARG B 36 29.31 -3.16 -22.99
C ARG B 36 30.07 -2.60 -24.20
N GLN B 37 29.97 -1.29 -24.43
CA GLN B 37 30.61 -0.71 -25.60
C GLN B 37 32.12 -0.73 -25.50
N GLN B 38 32.67 -0.90 -24.29
CA GLN B 38 34.10 -1.11 -24.14
C GLN B 38 34.51 -2.53 -24.47
N LEU B 39 33.58 -3.48 -24.37
CA LEU B 39 33.84 -4.86 -24.78
C LEU B 39 34.04 -4.93 -26.29
N GLU B 40 34.82 -5.93 -26.71
CA GLU B 40 35.07 -6.18 -28.12
C GLU B 40 34.81 -7.65 -28.44
N GLY B 41 34.27 -7.90 -29.63
CA GLY B 41 34.09 -9.26 -30.08
C GLY B 41 32.63 -9.68 -30.06
N GLN B 42 32.41 -10.98 -29.90
CA GLN B 42 31.05 -11.50 -29.83
C GLN B 42 30.40 -11.22 -28.48
N MET B 43 31.19 -11.19 -27.41
CA MET B 43 30.67 -10.85 -26.09
C MET B 43 29.93 -9.53 -26.13
N ARG B 44 30.30 -8.66 -27.08
CA ARG B 44 29.60 -7.40 -27.28
C ARG B 44 28.15 -7.61 -27.68
N GLU B 45 27.83 -8.77 -28.28
CA GLU B 45 26.49 -9.07 -28.73
C GLU B 45 25.73 -10.02 -27.81
N GLU B 46 26.35 -10.46 -26.71
CA GLU B 46 25.70 -11.39 -25.79
C GLU B 46 25.26 -10.72 -24.49
N VAL B 47 25.76 -9.54 -24.18
CA VAL B 47 25.38 -8.81 -22.97
C VAL B 47 24.16 -7.95 -23.27
N MET B 48 23.17 -7.99 -22.37
CA MET B 48 21.89 -7.30 -22.51
C MET B 48 21.74 -6.24 -21.42
N PRO B 49 20.89 -5.25 -21.63
CA PRO B 49 20.78 -4.16 -20.64
C PRO B 49 20.30 -4.66 -19.29
N LYS B 50 20.83 -4.06 -18.23
CA LYS B 50 20.43 -4.40 -16.87
C LYS B 50 19.15 -3.65 -16.55
N ASN B 51 18.04 -4.16 -17.08
CA ASN B 51 16.74 -3.52 -16.89
C ASN B 51 16.36 -3.56 -15.40
N ILE B 52 15.50 -2.62 -15.01
CA ILE B 52 15.22 -2.37 -13.60
C ILE B 52 13.73 -2.45 -13.35
N LEU B 53 13.35 -3.00 -12.20
CA LEU B 53 12.00 -2.92 -11.68
C LEU B 53 12.03 -2.07 -10.40
N MET B 54 11.38 -0.90 -10.44
CA MET B 54 11.28 -0.03 -9.28
C MET B 54 9.98 -0.30 -8.54
N ILE B 55 10.06 -0.44 -7.22
CA ILE B 55 8.90 -0.68 -6.38
C ILE B 55 8.80 0.46 -5.38
N GLY B 56 7.67 1.16 -5.35
CA GLY B 56 7.50 2.27 -4.44
C GLY B 56 6.18 2.99 -4.58
N PRO B 57 5.84 3.80 -3.57
CA PRO B 57 4.57 4.54 -3.60
C PRO B 57 4.60 5.61 -4.68
N THR B 58 3.45 6.25 -4.86
CA THR B 58 3.31 7.23 -5.93
C THR B 58 3.98 8.54 -5.53
N GLY B 59 4.58 9.21 -6.52
CA GLY B 59 5.10 10.55 -6.34
C GLY B 59 6.28 10.68 -5.40
N VAL B 60 7.22 9.74 -5.46
CA VAL B 60 8.41 9.76 -4.62
C VAL B 60 9.70 9.76 -5.44
N GLY B 61 9.60 9.84 -6.76
CA GLY B 61 10.79 10.09 -7.55
C GLY B 61 11.15 9.05 -8.58
N LYS B 62 10.28 8.06 -8.81
CA LYS B 62 10.60 7.00 -9.75
C LYS B 62 10.75 7.56 -11.17
N THR B 63 9.75 8.30 -11.65
CA THR B 63 9.88 8.94 -12.96
C THR B 63 11.00 9.97 -12.96
N GLU B 64 11.09 10.78 -11.90
CA GLU B 64 12.05 11.88 -11.92
C GLU B 64 13.48 11.37 -12.02
N ILE B 65 13.80 10.32 -11.25
CA ILE B 65 15.16 9.77 -11.29
C ILE B 65 15.49 9.29 -12.70
N SER B 66 14.58 8.52 -13.31
CA SER B 66 14.81 8.01 -14.65
C SER B 66 14.87 9.15 -15.67
N ARG B 67 14.03 10.17 -15.49
CA ARG B 67 14.00 11.25 -16.47
C ARG B 67 15.28 12.07 -16.40
N ARG B 68 15.76 12.34 -15.18
CA ARG B 68 17.01 13.07 -15.02
C ARG B 68 18.20 12.23 -15.48
N LEU B 69 18.17 10.93 -15.18
CA LEU B 69 19.23 10.04 -15.60
C LEU B 69 19.43 10.11 -17.11
N ALA B 70 18.33 10.02 -17.86
CA ALA B 70 18.43 10.02 -19.31
C ALA B 70 18.96 11.35 -19.82
N LYS B 71 18.55 12.46 -19.19
CA LYS B 71 19.03 13.77 -19.62
C LYS B 71 20.52 13.90 -19.35
N LEU B 72 20.97 13.32 -18.23
CA LEU B 72 22.40 13.28 -17.93
C LEU B 72 23.17 12.58 -19.04
N ALA B 73 22.63 11.49 -19.57
CA ALA B 73 23.30 10.66 -20.57
C ALA B 73 22.95 11.06 -22.01
N GLY B 74 22.37 12.24 -22.21
CA GLY B 74 21.95 12.68 -23.53
C GLY B 74 21.19 11.66 -24.37
N ALA B 75 20.52 10.70 -23.70
CA ALA B 75 19.77 9.57 -24.24
C ALA B 75 18.30 9.95 -24.44
N PRO B 76 17.70 9.48 -25.55
CA PRO B 76 16.28 9.74 -25.78
C PRO B 76 15.43 8.93 -24.81
N PHE B 77 14.37 9.56 -24.31
CA PHE B 77 13.59 9.03 -23.19
C PHE B 77 12.11 9.03 -23.54
N VAL B 78 11.42 7.95 -23.17
CA VAL B 78 9.99 7.82 -23.40
C VAL B 78 9.36 7.22 -22.16
N LYS B 79 8.35 7.90 -21.61
CA LYS B 79 7.56 7.37 -20.51
C LYS B 79 6.19 6.96 -21.03
N VAL B 80 5.71 5.79 -20.57
CA VAL B 80 4.43 5.26 -21.00
C VAL B 80 3.75 4.62 -19.80
N GLU B 81 2.42 4.72 -19.75
CA GLU B 81 1.61 4.04 -18.74
C GLU B 81 1.22 2.68 -19.28
N ALA B 82 1.64 1.61 -18.61
CA ALA B 82 1.44 0.27 -19.13
C ALA B 82 -0.03 -0.04 -19.40
N THR B 83 -0.93 0.40 -18.53
CA THR B 83 -2.34 0.04 -18.68
C THR B 83 -2.99 0.65 -19.90
N LYS B 84 -2.35 1.62 -20.55
CA LYS B 84 -2.93 2.23 -21.73
C LYS B 84 -3.11 1.20 -22.84
N PHE B 85 -2.27 0.16 -22.86
CA PHE B 85 -2.38 -0.86 -23.89
C PHE B 85 -3.50 -1.86 -23.62
N THR B 86 -4.22 -1.74 -22.51
CA THR B 86 -5.38 -2.60 -22.24
C THR B 86 -6.68 -2.01 -22.75
N GLU B 87 -6.66 -0.79 -23.27
CA GLU B 87 -7.84 -0.07 -23.72
C GLU B 87 -8.05 -0.25 -25.21
N VAL B 88 -9.33 -0.25 -25.63
CA VAL B 88 -9.61 -0.29 -27.06
C VAL B 88 -9.17 1.00 -27.71
N GLY B 89 -8.99 0.94 -29.03
CA GLY B 89 -8.54 2.12 -29.73
C GLY B 89 -7.79 1.84 -31.00
N TYR B 90 -8.04 2.65 -32.01
CA TYR B 90 -7.44 2.49 -33.33
CA TYR B 90 -7.41 2.45 -33.30
C TYR B 90 -6.08 3.17 -33.44
N VAL B 91 -5.77 4.11 -32.55
CA VAL B 91 -4.52 4.87 -32.61
C VAL B 91 -3.74 4.62 -31.33
N GLY B 92 -2.47 4.27 -31.47
CA GLY B 92 -1.54 4.21 -30.36
C GLY B 92 -1.84 3.20 -29.26
N ARG B 93 -2.40 2.04 -29.62
CA ARG B 93 -2.69 1.00 -28.64
C ARG B 93 -1.78 -0.21 -28.78
N ASP B 94 -0.74 -0.14 -29.61
CA ASP B 94 0.22 -1.23 -29.74
C ASP B 94 1.55 -0.80 -29.13
N VAL B 95 2.20 -1.73 -28.43
CA VAL B 95 3.39 -1.37 -27.66
C VAL B 95 4.53 -0.93 -28.55
N GLU B 96 4.51 -1.29 -29.84
CA GLU B 96 5.57 -0.81 -30.70
C GLU B 96 5.49 0.71 -30.89
N GLN B 97 4.36 1.33 -30.55
CA GLN B 97 4.30 2.78 -30.56
C GLN B 97 5.36 3.39 -29.66
N ILE B 98 5.70 2.70 -28.56
CA ILE B 98 6.76 3.14 -27.66
C ILE B 98 8.05 3.36 -28.45
N ILE B 99 8.42 2.37 -29.26
CA ILE B 99 9.67 2.46 -30.01
C ILE B 99 9.57 3.51 -31.10
N ARG B 100 8.41 3.60 -31.78
CA ARG B 100 8.23 4.61 -32.80
C ARG B 100 8.35 6.01 -32.20
N ASP B 101 7.72 6.23 -31.04
CA ASP B 101 7.84 7.52 -30.36
C ASP B 101 9.28 7.81 -29.95
N LEU B 102 10.01 6.77 -29.55
CA LEU B 102 11.40 6.96 -29.12
C LEU B 102 12.27 7.49 -30.25
N VAL B 103 12.14 6.92 -31.44
CA VAL B 103 12.84 7.46 -32.60
C VAL B 103 12.42 8.90 -32.85
N GLU B 104 11.12 9.18 -32.70
CA GLU B 104 10.62 10.54 -32.89
C GLU B 104 11.25 11.50 -31.90
N ILE B 105 11.65 10.99 -30.73
CA ILE B 105 12.33 11.80 -29.73
C ILE B 105 13.84 11.86 -29.98
N ALA B 106 14.40 10.83 -30.62
CA ALA B 106 15.82 10.86 -30.96
C ALA B 106 16.11 11.76 -32.15
N ILE B 107 15.18 11.85 -33.11
CA ILE B 107 15.35 12.79 -34.22
C ILE B 107 15.45 14.22 -33.69
N THR B 108 14.44 14.66 -32.95
CA THR B 108 14.46 16.01 -32.39
C THR B 108 15.59 16.17 -31.38
N LEU B 109 16.19 15.08 -30.90
CA LEU B 109 17.33 15.21 -30.01
C LEU B 109 18.62 15.38 -30.81
N VAL B 110 18.76 14.65 -31.91
CA VAL B 110 19.97 14.74 -32.73
C VAL B 110 20.04 16.08 -33.44
N ARG B 111 18.89 16.65 -33.81
CA ARG B 111 18.89 17.96 -34.45
C ARG B 111 19.46 19.03 -33.53
N GLU B 112 19.13 18.94 -32.23
CA GLU B 112 19.63 19.93 -31.28
C GLU B 112 21.15 19.85 -31.16
N LYS B 113 21.70 18.64 -31.09
CA LYS B 113 23.14 18.50 -30.89
C LYS B 113 23.92 18.75 -32.17
N ARG B 114 23.37 18.37 -33.32
CA ARG B 114 24.08 18.56 -34.58
C ARG B 114 24.24 20.05 -34.90
N ARG B 115 23.19 20.83 -34.67
CA ARG B 115 23.26 22.27 -34.91
C ARG B 115 24.36 22.92 -34.10
N GLU B 116 24.40 22.65 -32.79
CA GLU B 116 25.41 23.23 -31.92
C GLU B 116 26.84 22.86 -32.35
N ASP B 227 19.75 13.18 -44.41
CA ASP B 227 19.61 11.74 -44.33
C ASP B 227 20.47 11.16 -43.21
N GLN B 228 21.66 11.74 -43.01
CA GLN B 228 22.55 11.28 -41.96
C GLN B 228 21.99 11.56 -40.57
N ILE B 229 21.24 12.66 -40.40
CA ILE B 229 20.64 12.96 -39.11
C ILE B 229 19.61 11.91 -38.75
N VAL B 230 18.76 11.52 -39.71
CA VAL B 230 17.77 10.48 -39.46
C VAL B 230 18.46 9.15 -39.17
N GLN B 231 19.58 8.88 -39.83
CA GLN B 231 20.36 7.69 -39.52
C GLN B 231 20.89 7.74 -38.10
N GLU B 232 21.33 8.91 -37.65
CA GLU B 232 21.86 9.03 -36.29
C GLU B 232 20.75 8.89 -35.25
N ALA B 233 19.56 9.41 -35.56
CA ALA B 233 18.41 9.17 -34.70
C ALA B 233 18.09 7.67 -34.60
N LEU B 234 18.30 6.93 -35.70
CA LEU B 234 18.11 5.49 -35.67
C LEU B 234 19.27 4.78 -34.99
N ARG B 235 20.47 5.38 -35.00
CA ARG B 235 21.60 4.80 -34.29
C ARG B 235 21.46 5.02 -32.79
N VAL B 236 21.15 6.26 -32.40
CA VAL B 236 21.00 6.58 -30.99
C VAL B 236 19.90 5.74 -30.36
N SER B 237 18.73 5.69 -31.02
CA SER B 237 17.58 4.95 -30.50
C SER B 237 17.94 3.51 -30.15
N GLU B 238 18.71 2.85 -31.00
CA GLU B 238 19.04 1.44 -30.76
C GLU B 238 20.04 1.28 -29.63
N ASP B 239 21.05 2.15 -29.57
CA ASP B 239 22.13 1.95 -28.63
C ASP B 239 21.94 2.70 -27.32
N GLU B 240 21.13 3.76 -27.30
CA GLU B 240 21.03 4.60 -26.13
C GLU B 240 19.63 4.85 -25.60
N GLY B 241 18.59 4.33 -26.27
CA GLY B 241 17.23 4.64 -25.84
C GLY B 241 16.96 4.16 -24.43
N ILE B 242 16.16 4.94 -23.70
CA ILE B 242 15.72 4.59 -22.36
C ILE B 242 14.19 4.67 -22.33
N VAL B 243 13.56 3.58 -21.89
CA VAL B 243 12.11 3.43 -21.89
C VAL B 243 11.64 3.24 -20.46
N PHE B 244 10.77 4.15 -20.00
CA PHE B 244 10.17 4.04 -18.68
C PHE B 244 8.74 3.53 -18.82
N ILE B 245 8.45 2.37 -18.25
CA ILE B 245 7.12 1.79 -18.28
C ILE B 245 6.54 1.88 -16.88
N ASP B 246 5.57 2.77 -16.72
CA ASP B 246 4.95 3.00 -15.42
C ASP B 246 3.84 1.99 -15.14
N GLU B 247 3.60 1.78 -13.85
CA GLU B 247 2.53 0.92 -13.33
C GLU B 247 2.52 -0.44 -14.02
N ILE B 248 3.71 -1.02 -14.13
CA ILE B 248 3.84 -2.40 -14.60
C ILE B 248 3.19 -3.37 -13.61
N ASP B 249 2.94 -2.94 -12.38
CA ASP B 249 2.21 -3.77 -11.43
C ASP B 249 0.74 -3.93 -11.83
N LYS B 250 0.15 -2.92 -12.48
CA LYS B 250 -1.27 -3.02 -12.80
C LYS B 250 -1.55 -4.03 -13.91
N ILE B 251 -0.58 -4.35 -14.77
CA ILE B 251 -0.83 -5.36 -15.80
C ILE B 251 -0.42 -6.74 -15.32
N ALA B 252 -0.27 -6.91 -14.01
CA ALA B 252 0.01 -8.23 -13.45
C ALA B 252 -0.98 -8.63 -12.38
N ALA B 253 -2.17 -8.03 -12.38
CA ALA B 253 -3.15 -8.29 -11.34
C ALA B 253 -4.15 -9.33 -11.81
N ARG B 254 -5.09 -9.68 -10.94
CA ARG B 254 -6.07 -10.77 -11.07
C ARG B 254 -7.03 -10.56 -12.18
N GLU B 255 -6.91 -9.61 -13.11
CA GLU B 255 -7.82 -9.54 -14.27
C GLU B 255 -9.30 -9.49 -13.89
N SER B 258 -10.65 -3.00 -16.24
CA SER B 258 -11.74 -2.20 -16.80
C SER B 258 -11.53 -1.98 -18.29
N GLY B 259 -10.30 -2.21 -18.74
CA GLY B 259 -10.02 -2.11 -20.16
C GLY B 259 -10.66 -3.26 -20.94
N ALA B 260 -11.25 -2.92 -22.08
CA ALA B 260 -11.91 -3.88 -22.96
C ALA B 260 -11.02 -4.28 -24.13
N GLY B 261 -9.76 -3.88 -24.12
CA GLY B 261 -8.84 -4.25 -25.17
C GLY B 261 -8.00 -5.46 -24.81
N VAL B 262 -6.70 -5.34 -25.02
CA VAL B 262 -5.78 -6.42 -24.67
C VAL B 262 -5.89 -6.71 -23.19
N SER B 263 -5.91 -8.00 -22.83
CA SER B 263 -5.91 -8.37 -21.43
C SER B 263 -4.59 -7.94 -20.76
N ARG B 264 -4.58 -8.00 -19.44
CA ARG B 264 -3.40 -7.57 -18.69
C ARG B 264 -2.21 -8.47 -19.00
N GLU B 265 -2.38 -9.79 -18.87
CA GLU B 265 -1.30 -10.69 -19.25
C GLU B 265 -0.89 -10.50 -20.70
N GLY B 266 -1.84 -10.14 -21.56
CA GLY B 266 -1.51 -9.91 -22.95
C GLY B 266 -0.61 -8.70 -23.15
N VAL B 267 -0.81 -7.65 -22.33
CA VAL B 267 0.13 -6.52 -22.40
C VAL B 267 1.51 -6.97 -21.96
N GLN B 268 1.60 -7.80 -20.91
CA GLN B 268 2.88 -8.39 -20.56
C GLN B 268 3.43 -9.17 -21.75
N ARG B 269 2.62 -10.06 -22.32
CA ARG B 269 3.08 -10.87 -23.45
C ARG B 269 3.52 -10.00 -24.62
N ASP B 270 2.85 -8.85 -24.82
CA ASP B 270 3.25 -7.94 -25.89
C ASP B 270 4.54 -7.20 -25.55
N LEU B 271 4.84 -7.03 -24.25
CA LEU B 271 6.08 -6.37 -23.87
C LEU B 271 7.28 -7.28 -24.07
N LEU B 272 7.09 -8.60 -24.01
CA LEU B 272 8.19 -9.55 -24.16
C LEU B 272 9.06 -9.30 -25.39
N PRO B 273 8.52 -9.18 -26.61
CA PRO B 273 9.41 -8.90 -27.75
C PRO B 273 10.29 -7.67 -27.56
N LEU B 274 9.77 -6.61 -26.93
CA LEU B 274 10.56 -5.40 -26.79
C LEU B 274 11.76 -5.61 -25.89
N VAL B 275 11.55 -6.25 -24.74
CA VAL B 275 12.61 -6.37 -23.74
C VAL B 275 13.50 -7.58 -23.95
N GLU B 276 13.03 -8.60 -24.69
CA GLU B 276 13.91 -9.69 -25.07
C GLU B 276 14.74 -9.32 -26.29
N GLY B 277 14.17 -8.54 -27.20
CA GLY B 277 14.88 -8.18 -28.43
C GLY B 277 14.06 -8.44 -29.67
N THR B 278 13.72 -7.37 -30.38
CA THR B 278 12.95 -7.50 -31.60
C THR B 278 13.30 -6.33 -32.52
N THR B 279 12.89 -6.44 -33.77
CA THR B 279 13.01 -5.35 -34.74
C THR B 279 11.64 -4.72 -34.94
N VAL B 280 11.60 -3.38 -34.94
CA VAL B 280 10.36 -2.61 -35.00
C VAL B 280 10.43 -1.67 -36.21
N ALA B 281 9.38 -1.63 -37.00
CA ALA B 281 9.33 -0.77 -38.18
C ALA B 281 8.80 0.60 -37.81
N THR B 282 9.41 1.64 -38.41
CA THR B 282 8.98 3.01 -38.18
C THR B 282 8.98 3.76 -39.51
N LYS B 283 8.46 5.00 -39.48
CA LYS B 283 8.47 5.86 -40.66
C LYS B 283 9.87 6.25 -41.09
N TYR B 284 10.90 5.80 -40.37
CA TYR B 284 12.29 6.04 -40.73
C TYR B 284 13.09 4.76 -40.91
N GLY B 285 12.57 3.62 -40.45
CA GLY B 285 13.25 2.37 -40.66
C GLY B 285 13.27 1.49 -39.44
N PRO B 286 13.78 0.26 -39.61
CA PRO B 286 13.74 -0.71 -38.51
C PRO B 286 14.60 -0.30 -37.33
N VAL B 287 14.08 -0.59 -36.14
CA VAL B 287 14.74 -0.27 -34.88
C VAL B 287 14.84 -1.56 -34.08
N LYS B 288 16.05 -1.91 -33.65
CA LYS B 288 16.27 -3.06 -32.79
C LYS B 288 16.20 -2.64 -31.32
N THR B 289 15.60 -3.49 -30.49
CA THR B 289 15.41 -3.19 -29.08
C THR B 289 16.32 -4.00 -28.16
N ASP B 290 17.32 -4.69 -28.72
CA ASP B 290 18.14 -5.60 -27.91
C ASP B 290 18.89 -4.88 -26.80
N HIS B 291 19.36 -3.65 -27.05
CA HIS B 291 20.20 -2.97 -26.08
C HIS B 291 19.58 -1.66 -25.58
N ILE B 292 18.27 -1.51 -25.75
CA ILE B 292 17.53 -0.42 -25.14
C ILE B 292 17.32 -0.74 -23.67
N LEU B 293 17.53 0.25 -22.80
CA LEU B 293 17.31 0.05 -21.38
C LEU B 293 15.86 0.30 -21.01
N PHE B 294 15.32 -0.57 -20.15
CA PHE B 294 13.94 -0.50 -19.72
C PHE B 294 13.89 -0.34 -18.20
N ILE B 295 13.20 0.69 -17.74
CA ILE B 295 12.94 0.91 -16.32
C ILE B 295 11.44 0.77 -16.11
N THR B 296 11.06 -0.21 -15.31
CA THR B 296 9.65 -0.45 -15.00
C THR B 296 9.41 -0.15 -13.53
N SER B 297 8.16 0.18 -13.21
CA SER B 297 7.85 0.69 -11.89
C SER B 297 6.44 0.28 -11.49
N GLY B 298 6.23 0.13 -10.19
CA GLY B 298 4.90 -0.16 -9.68
C GLY B 298 4.89 -0.08 -8.17
N ALA B 299 3.69 0.11 -7.62
CA ALA B 299 3.54 0.06 -6.17
C ALA B 299 3.44 -1.36 -5.66
N PHE B 300 2.87 -2.27 -6.45
CA PHE B 300 2.69 -3.68 -6.10
C PHE B 300 1.87 -3.87 -4.83
N HIS B 301 0.74 -3.17 -4.77
CA HIS B 301 -0.36 -3.51 -3.88
C HIS B 301 -1.43 -4.36 -4.56
N VAL B 302 -1.67 -4.14 -5.86
CA VAL B 302 -2.68 -4.94 -6.57
C VAL B 302 -2.13 -6.26 -7.07
N SER B 303 -0.83 -6.46 -6.98
CA SER B 303 -0.17 -7.66 -7.44
C SER B 303 1.18 -7.71 -6.73
N LYS B 304 1.98 -8.72 -7.05
CA LYS B 304 3.33 -8.82 -6.52
C LYS B 304 4.32 -9.06 -7.65
N PRO B 305 5.60 -8.73 -7.44
CA PRO B 305 6.57 -8.87 -8.54
C PRO B 305 6.63 -10.27 -9.14
N SER B 306 6.43 -11.30 -8.33
CA SER B 306 6.41 -12.64 -8.91
C SER B 306 5.14 -12.93 -9.71
N ASP B 307 4.18 -11.99 -9.81
CA ASP B 307 3.06 -12.18 -10.72
C ASP B 307 3.40 -11.80 -12.16
N LEU B 308 4.58 -11.25 -12.42
CA LEU B 308 5.00 -10.96 -13.78
C LEU B 308 5.30 -12.25 -14.52
N LEU B 309 5.17 -12.21 -15.84
CA LEU B 309 5.51 -13.35 -16.67
C LEU B 309 6.95 -13.77 -16.39
N PRO B 310 7.21 -15.09 -16.32
CA PRO B 310 8.59 -15.55 -16.12
C PRO B 310 9.60 -14.95 -17.10
N GLU B 311 9.23 -14.85 -18.38
CA GLU B 311 10.13 -14.24 -19.36
C GLU B 311 10.43 -12.78 -19.04
N LEU B 312 9.48 -12.08 -18.42
CA LEU B 312 9.72 -10.69 -18.02
C LEU B 312 10.61 -10.61 -16.79
N GLN B 313 10.35 -11.47 -15.80
CA GLN B 313 11.24 -11.55 -14.64
C GLN B 313 12.69 -11.71 -15.08
N GLY B 314 12.94 -12.61 -16.03
CA GLY B 314 14.28 -12.85 -16.52
C GLY B 314 14.91 -11.66 -17.21
N ARG B 315 14.10 -10.72 -17.70
CA ARG B 315 14.64 -9.53 -18.34
C ARG B 315 14.60 -8.31 -17.44
N LEU B 316 14.47 -8.51 -16.13
CA LEU B 316 14.52 -7.44 -15.14
C LEU B 316 15.57 -7.79 -14.08
N PRO B 317 16.86 -7.71 -14.44
CA PRO B 317 17.90 -8.19 -13.50
C PRO B 317 17.95 -7.44 -12.19
N ILE B 318 17.71 -6.13 -12.22
CA ILE B 318 17.92 -5.27 -11.06
C ILE B 318 16.57 -4.96 -10.42
N ARG B 319 16.48 -5.14 -9.10
CA ARG B 319 15.28 -4.89 -8.32
C ARG B 319 15.61 -3.88 -7.22
N VAL B 320 14.88 -2.77 -7.18
CA VAL B 320 15.17 -1.71 -6.22
C VAL B 320 13.87 -1.11 -5.69
N GLU B 321 13.86 -0.85 -4.38
CA GLU B 321 12.71 -0.24 -3.71
C GLU B 321 12.94 1.25 -3.51
N LEU B 322 11.83 1.98 -3.40
CA LEU B 322 11.85 3.39 -3.05
C LEU B 322 10.93 3.57 -1.85
N SER B 323 11.23 4.58 -1.04
CA SER B 323 10.53 4.75 0.22
C SER B 323 9.63 5.98 0.17
N ALA B 324 8.66 5.99 1.09
CA ALA B 324 7.81 7.16 1.25
C ALA B 324 8.66 8.37 1.64
N LEU B 325 8.20 9.55 1.24
CA LEU B 325 8.89 10.79 1.59
C LEU B 325 8.47 11.26 2.96
N THR B 326 9.45 11.71 3.74
CA THR B 326 9.19 12.21 5.09
C THR B 326 8.97 13.71 5.07
N ARG B 327 8.56 14.25 6.22
CA ARG B 327 8.37 15.68 6.34
C ARG B 327 9.65 16.43 6.02
N GLU B 328 10.79 15.93 6.49
CA GLU B 328 12.07 16.55 6.16
C GLU B 328 12.34 16.46 4.66
N ASP B 329 11.95 15.35 4.03
CA ASP B 329 12.10 15.22 2.58
C ASP B 329 11.35 16.32 1.85
N PHE B 330 10.14 16.65 2.32
CA PHE B 330 9.36 17.70 1.66
C PHE B 330 10.06 19.04 1.76
N ARG B 331 10.64 19.34 2.93
CA ARG B 331 11.37 20.60 3.12
C ARG B 331 12.54 20.70 2.16
N ARG B 332 13.31 19.62 2.01
CA ARG B 332 14.47 19.67 1.14
C ARG B 332 14.05 19.67 -0.33
N ILE B 333 12.95 18.99 -0.66
CA ILE B 333 12.47 19.01 -2.04
C ILE B 333 12.05 20.42 -2.42
N LEU B 334 11.45 21.15 -1.48
CA LEU B 334 10.99 22.51 -1.78
C LEU B 334 12.14 23.45 -2.10
N THR B 335 13.25 23.33 -1.38
CA THR B 335 14.30 24.34 -1.43
C THR B 335 15.61 23.85 -2.03
N GLU B 336 16.04 22.62 -1.73
CA GLU B 336 17.43 22.24 -1.95
C GLU B 336 17.76 21.90 -3.40
N THR B 337 16.82 21.33 -4.15
CA THR B 337 17.22 20.87 -5.47
C THR B 337 17.28 22.04 -6.46
N GLU B 338 17.93 21.79 -7.59
CA GLU B 338 18.32 22.89 -8.48
C GLU B 338 17.12 23.49 -9.21
N ALA B 339 16.12 22.69 -9.56
CA ALA B 339 14.93 23.21 -10.22
C ALA B 339 13.73 23.24 -9.28
N SER B 340 13.97 23.45 -7.99
CA SER B 340 12.93 23.34 -6.98
C SER B 340 11.84 24.39 -7.20
N LEU B 341 10.65 24.10 -6.65
CA LEU B 341 9.52 24.99 -6.81
C LEU B 341 9.82 26.38 -6.27
N ILE B 342 10.46 26.46 -5.10
CA ILE B 342 10.79 27.75 -4.51
C ILE B 342 11.69 28.55 -5.45
N LYS B 343 12.72 27.92 -6.00
CA LYS B 343 13.58 28.60 -6.96
C LYS B 343 12.85 28.96 -8.24
N GLN B 344 11.77 28.26 -8.56
CA GLN B 344 10.99 28.66 -9.74
C GLN B 344 10.15 29.90 -9.44
N TYR B 345 9.44 29.88 -8.31
CA TYR B 345 8.61 31.03 -7.96
C TYR B 345 9.46 32.25 -7.69
N ILE B 346 10.62 32.08 -7.06
CA ILE B 346 11.55 33.19 -6.89
C ILE B 346 12.00 33.72 -8.24
N ALA B 347 12.36 32.81 -9.17
CA ALA B 347 12.82 33.25 -10.47
C ALA B 347 11.71 33.91 -11.28
N LEU B 348 10.47 33.40 -11.15
CA LEU B 348 9.36 33.99 -11.89
C LEU B 348 9.02 35.39 -11.38
N MET B 349 9.12 35.61 -10.08
CA MET B 349 8.85 36.94 -9.55
C MET B 349 9.99 37.91 -9.82
N GLU B 350 11.20 37.40 -10.07
CA GLU B 350 12.29 38.29 -10.45
C GLU B 350 12.03 38.96 -11.79
N THR B 351 11.35 38.27 -12.72
CA THR B 351 11.03 38.90 -14.00
C THR B 351 10.02 40.03 -13.85
N GLU B 352 9.39 40.16 -12.68
CA GLU B 352 8.48 41.26 -12.40
C GLU B 352 9.10 42.29 -11.46
N GLU B 353 10.41 42.21 -11.24
CA GLU B 353 11.13 43.11 -10.34
C GLU B 353 10.63 42.98 -8.89
N VAL B 354 10.35 41.75 -8.47
CA VAL B 354 9.91 41.45 -7.11
C VAL B 354 10.88 40.43 -6.52
N LYS B 355 11.64 40.84 -5.51
CA LYS B 355 12.53 39.93 -4.78
C LYS B 355 11.67 39.19 -3.77
N LEU B 356 11.31 37.95 -4.10
CA LEU B 356 10.52 37.10 -3.23
C LEU B 356 11.43 36.31 -2.29
N GLU B 357 11.11 36.33 -1.00
CA GLU B 357 11.89 35.60 0.00
C GLU B 357 10.97 34.75 0.85
N PHE B 358 11.44 33.54 1.16
CA PHE B 358 10.76 32.65 2.08
C PHE B 358 11.60 32.49 3.35
N SER B 359 10.96 32.70 4.49
CA SER B 359 11.59 32.33 5.76
C SER B 359 11.68 30.81 5.88
N ASP B 360 12.49 30.36 6.84
CA ASP B 360 12.61 28.92 7.09
C ASP B 360 11.34 28.35 7.70
N ASP B 361 10.66 29.13 8.54
CA ASP B 361 9.40 28.65 9.11
C ASP B 361 8.29 28.65 8.08
N ALA B 362 8.35 29.53 7.08
CA ALA B 362 7.38 29.49 6.00
C ALA B 362 7.56 28.21 5.18
N ILE B 363 8.80 27.82 4.94
CA ILE B 363 9.06 26.58 4.22
C ILE B 363 8.60 25.38 5.04
N ASP B 364 8.84 25.40 6.35
CA ASP B 364 8.30 24.35 7.21
C ASP B 364 6.78 24.31 7.14
N ALA B 365 6.14 25.49 7.17
CA ALA B 365 4.68 25.54 7.12
C ALA B 365 4.14 24.97 5.81
N LEU B 366 4.76 25.31 4.68
CA LEU B 366 4.31 24.78 3.40
C LEU B 366 4.43 23.25 3.36
N ALA B 367 5.54 22.72 3.88
CA ALA B 367 5.71 21.27 3.91
C ALA B 367 4.66 20.62 4.80
N ASP B 368 4.30 21.28 5.91
CA ASP B 368 3.30 20.71 6.81
C ASP B 368 1.92 20.67 6.16
N ILE B 369 1.56 21.69 5.39
CA ILE B 369 0.25 21.67 4.73
C ILE B 369 0.16 20.48 3.79
N ALA B 370 1.25 20.18 3.06
CA ALA B 370 1.21 19.10 2.10
C ALA B 370 1.20 17.75 2.79
N VAL B 371 1.96 17.60 3.88
CA VAL B 371 1.96 16.35 4.62
C VAL B 371 0.57 16.05 5.16
N ASP B 372 -0.10 17.08 5.71
CA ASP B 372 -1.41 16.86 6.31
C ASP B 372 -2.45 16.46 5.25
N LEU B 373 -2.45 17.16 4.10
CA LEU B 373 -3.34 16.77 3.01
C LEU B 373 -3.07 15.36 2.52
N ASN B 374 -1.78 15.01 2.35
CA ASN B 374 -1.43 13.64 1.99
C ASN B 374 -1.85 12.63 3.04
N ALA B 375 -2.09 13.08 4.28
CA ALA B 375 -2.47 12.19 5.36
C ALA B 375 -3.97 12.10 5.57
N THR B 376 -4.73 13.06 5.05
CA THR B 376 -6.17 13.11 5.29
C THR B 376 -7.00 12.91 4.03
N VAL B 377 -6.47 13.29 2.86
CA VAL B 377 -7.17 13.11 1.60
C VAL B 377 -6.60 11.89 0.91
N GLU B 378 -5.39 12.02 0.38
CA GLU B 378 -4.71 10.91 -0.26
C GLU B 378 -3.22 11.21 -0.29
N ASN B 379 -2.41 10.18 -0.07
CA ASN B 379 -0.97 10.35 -0.14
C ASN B 379 -0.55 10.28 -1.60
N ILE B 380 -0.35 11.43 -2.22
CA ILE B 380 0.14 11.49 -3.58
C ILE B 380 1.62 11.88 -3.61
N GLY B 381 2.30 11.78 -2.47
CA GLY B 381 3.72 12.06 -2.48
C GLY B 381 4.00 13.54 -2.71
N ALA B 382 5.11 13.80 -3.39
CA ALA B 382 5.58 15.18 -3.59
C ALA B 382 4.73 15.97 -4.58
N ARG B 383 3.77 15.35 -5.24
CA ARG B 383 2.90 16.11 -6.14
C ARG B 383 2.05 17.11 -5.40
N ARG B 384 1.84 16.91 -4.10
CA ARG B 384 1.04 17.83 -3.31
C ARG B 384 1.69 19.20 -3.17
N LEU B 385 3.03 19.26 -3.24
CA LEU B 385 3.72 20.52 -3.00
C LEU B 385 3.34 21.58 -4.03
N GLN B 386 3.24 21.17 -5.29
CA GLN B 386 2.98 22.10 -6.38
C GLN B 386 1.69 22.87 -6.15
N THR B 387 0.63 22.15 -5.77
CA THR B 387 -0.67 22.80 -5.56
C THR B 387 -0.71 23.63 -4.30
N VAL B 388 0.18 23.38 -3.34
CA VAL B 388 0.10 24.07 -2.06
C VAL B 388 0.80 25.43 -2.14
N ILE B 389 1.99 25.48 -2.73
CA ILE B 389 2.67 26.76 -2.89
C ILE B 389 1.85 27.71 -3.75
N GLU B 390 1.17 27.17 -4.76
CA GLU B 390 0.50 28.02 -5.73
C GLU B 390 -0.65 28.78 -5.08
N LYS B 391 -1.44 28.13 -4.24
CA LYS B 391 -2.53 28.84 -3.56
C LYS B 391 -2.00 29.84 -2.55
N VAL B 392 -0.84 29.57 -1.95
CA VAL B 392 -0.28 30.54 -1.00
C VAL B 392 0.27 31.75 -1.72
N LEU B 393 0.76 31.58 -2.95
CA LEU B 393 1.29 32.68 -3.74
C LEU B 393 0.23 33.33 -4.65
N ASP B 394 -1.04 32.92 -4.53
CA ASP B 394 -2.07 33.43 -5.44
C ASP B 394 -2.20 34.94 -5.37
N GLU B 395 -2.21 35.50 -4.16
CA GLU B 395 -2.38 36.95 -4.03
C GLU B 395 -1.20 37.71 -4.61
N ILE B 396 0.02 37.21 -4.41
CA ILE B 396 1.17 37.95 -4.88
C ILE B 396 1.41 37.71 -6.37
N SER B 397 1.11 36.51 -6.88
CA SER B 397 1.27 36.27 -8.31
C SER B 397 0.36 37.18 -9.12
N PHE B 398 -0.82 37.50 -8.58
CA PHE B 398 -1.76 38.34 -9.30
C PHE B 398 -1.32 39.79 -9.29
N THR B 399 -0.81 40.26 -8.15
CA THR B 399 -0.51 41.67 -7.93
C THR B 399 0.94 42.03 -8.17
N ALA B 400 1.76 41.08 -8.64
CA ALA B 400 3.20 41.30 -8.72
C ALA B 400 3.59 42.52 -9.55
N PRO B 401 3.02 42.76 -10.75
CA PRO B 401 3.40 43.99 -11.48
C PRO B 401 3.09 45.26 -10.72
N ASP B 402 2.06 45.25 -9.88
CA ASP B 402 1.74 46.39 -9.04
C ASP B 402 2.70 46.55 -7.86
N LYS B 403 3.66 45.62 -7.69
CA LYS B 403 4.59 45.65 -6.57
C LYS B 403 6.04 45.68 -7.02
N ALA B 404 6.30 46.10 -8.27
CA ALA B 404 7.65 46.03 -8.81
C ALA B 404 8.61 46.91 -8.01
N GLY B 405 9.89 46.50 -8.01
CA GLY B 405 10.92 47.16 -7.24
C GLY B 405 10.94 46.82 -5.76
N ALA B 406 9.97 46.09 -5.25
CA ALA B 406 9.86 45.80 -3.83
C ALA B 406 10.38 44.41 -3.50
N THR B 407 10.63 44.21 -2.20
CA THR B 407 11.09 42.94 -1.66
C THR B 407 9.98 42.38 -0.78
N PHE B 408 9.58 41.13 -1.06
CA PHE B 408 8.46 40.51 -0.38
C PHE B 408 8.92 39.27 0.37
N ILE B 409 8.75 39.27 1.69
CA ILE B 409 9.17 38.16 2.54
C ILE B 409 7.94 37.42 3.04
N ILE B 410 7.87 36.12 2.77
CA ILE B 410 6.77 35.27 3.22
C ILE B 410 7.23 34.48 4.44
N ASP B 411 6.54 34.68 5.55
CA ASP B 411 6.86 34.03 6.82
C ASP B 411 5.81 32.98 7.14
N ALA B 412 5.96 32.34 8.30
CA ALA B 412 5.01 31.31 8.71
C ALA B 412 3.60 31.88 8.81
N ALA B 413 3.47 33.12 9.28
CA ALA B 413 2.16 33.72 9.43
C ALA B 413 1.50 33.97 8.07
N TYR B 414 2.29 34.30 7.05
CA TYR B 414 1.69 34.53 5.74
C TYR B 414 1.18 33.24 5.15
N VAL B 415 1.92 32.14 5.32
CA VAL B 415 1.47 30.84 4.87
C VAL B 415 0.20 30.42 5.61
N LYS B 416 0.05 30.86 6.85
CA LYS B 416 -1.12 30.49 7.65
C LYS B 416 -2.38 31.18 7.15
N GLU B 417 -2.31 32.50 6.91
CA GLU B 417 -3.47 33.21 6.40
C GLU B 417 -3.81 32.78 4.97
N GLY B 418 -2.79 32.66 4.12
CA GLY B 418 -2.96 32.28 2.73
C GLY B 418 -3.81 31.04 2.52
#